data_4B8A
#
_entry.id   4B8A
#
_cell.length_a   71.850
_cell.length_b   76.560
_cell.length_c   109.908
_cell.angle_alpha   90.00
_cell.angle_beta   90.00
_cell.angle_gamma   90.00
#
_symmetry.space_group_name_H-M   'P 21 21 21'
#
loop_
_entity.id
_entity.type
_entity.pdbx_description
1 polymer 'GENERAL NEGATIVE REGULATOR OF TRANSCRIPTION SUBUNIT 1'
2 polymer 'POLY(A) RIBONUCLEASE POP2'
3 water water
#
loop_
_entity_poly.entity_id
_entity_poly.type
_entity_poly.pdbx_seq_one_letter_code
_entity_poly.pdbx_strand_id
1 'polypeptide(L)'
;RSMSRPVQEMIPLKFFAVDEVSCQINQEGAPKDVVEKVLFVLNNVTLANLNNKVDELKKSLTPNYFSWFSTYLVTQRAKT
EPNYHDLYSKVIVAMGSGLLHQFMVNVTLRQLFVLLSTKDEQAIDKKHLKNLASWLGCITLALNKPIKHKNIAFREMLIE
AYKENRLEIVVPFVTKILQRASESKIFKPPNPWTVGILKLLIELNEKANWKLSLTFEVEVLLKSFNLTTKSLKPSNFINT
PEVIETLSG
;
A
2 'polypeptide(L)'
;RSMFLPPPNYLFVRDVWKSNLYSEFAVIRQLVSQYNHVSISTEFVGTLARPIGTFRSKVDYHYQTMRANVDFLNPIQLGL
SLSDANGNKPDNGPSTWQFNFEFDPKKEIMSTESLELLRKSGINFEKHENLGIDVFEFSQLLMDSGLMMDDSVTWITYHA
AYDLGFLINILMNDSMPNNKEDFEWWVHQYMPNFYDLNLVYKIIQEFKNPQLQQSSQQQQQQQYSLTTLADELGLPRFSI
FTTTGGQSLLMLLSFCQLSKLSMHKFPNGTDFAKYQGVIYGIDGDQ
;
B
#
# COMPACT_ATOMS: atom_id res chain seq x y z
N GLN A 8 32.38 -8.53 -13.54
CA GLN A 8 32.00 -7.13 -13.32
C GLN A 8 31.75 -6.86 -11.84
N GLU A 9 32.52 -5.92 -11.29
CA GLU A 9 32.42 -5.60 -9.87
C GLU A 9 31.09 -4.94 -9.56
N MET A 10 30.51 -5.33 -8.42
CA MET A 10 29.26 -4.77 -7.96
C MET A 10 29.55 -3.89 -6.75
N ILE A 11 28.58 -3.08 -6.35
CA ILE A 11 28.68 -2.30 -5.13
C ILE A 11 27.46 -2.65 -4.29
N PRO A 12 27.52 -2.38 -2.97
CA PRO A 12 26.32 -2.64 -2.18
C PRO A 12 25.22 -1.63 -2.50
N LEU A 13 23.98 -2.09 -2.55
CA LEU A 13 22.83 -1.21 -2.76
C LEU A 13 21.93 -1.26 -1.54
N LYS A 14 22.11 -0.30 -0.64
CA LYS A 14 21.51 -0.39 0.67
C LYS A 14 19.98 -0.40 0.69
N PHE A 15 19.34 0.27 -0.28
CA PHE A 15 17.89 0.46 -0.19
C PHE A 15 17.09 -0.15 -1.34
N PHE A 16 17.67 -1.14 -2.00
CA PHE A 16 17.00 -1.86 -3.04
C PHE A 16 17.20 -3.32 -2.68
N ALA A 17 16.12 -4.06 -2.53
CA ALA A 17 16.21 -5.48 -2.22
C ALA A 17 15.29 -6.35 -3.08
N VAL A 18 15.80 -7.52 -3.41
CA VAL A 18 15.02 -8.55 -4.09
C VAL A 18 14.51 -9.51 -3.03
N ASP A 19 13.21 -9.74 -3.00
CA ASP A 19 12.66 -10.76 -2.12
C ASP A 19 12.35 -11.98 -2.96
N GLU A 20 11.46 -12.83 -2.46
CA GLU A 20 11.04 -14.01 -3.20
C GLU A 20 9.55 -13.97 -3.36
N VAL A 21 9.06 -14.65 -4.38
CA VAL A 21 7.63 -14.76 -4.56
C VAL A 21 7.13 -15.93 -3.75
N SER A 22 6.13 -15.64 -2.92
CA SER A 22 5.47 -16.64 -2.11
C SER A 22 4.65 -17.52 -3.02
N CYS A 23 4.97 -18.81 -3.05
CA CYS A 23 4.35 -19.72 -3.99
C CYS A 23 4.56 -21.13 -3.50
N GLN A 24 3.49 -21.90 -3.39
CA GLN A 24 3.58 -23.26 -2.91
C GLN A 24 3.81 -24.21 -4.08
N ILE A 25 3.78 -23.65 -5.29
CA ILE A 25 3.82 -24.46 -6.50
C ILE A 25 5.24 -24.59 -7.03
N ASN A 26 5.67 -25.82 -7.24
CA ASN A 26 6.95 -26.08 -7.89
C ASN A 26 6.95 -25.46 -9.28
N GLN A 27 7.90 -24.56 -9.51
CA GLN A 27 8.01 -23.84 -10.78
C GLN A 27 9.02 -24.52 -11.72
N GLU A 28 8.57 -24.84 -12.92
CA GLU A 28 9.35 -25.65 -13.85
C GLU A 28 9.72 -24.93 -15.15
N GLY A 29 10.89 -25.27 -15.70
CA GLY A 29 11.20 -24.88 -17.05
C GLY A 29 10.07 -25.41 -17.92
N ALA A 30 9.64 -24.65 -18.92
CA ALA A 30 8.60 -25.12 -19.81
C ALA A 30 9.19 -26.05 -20.86
N PRO A 31 8.44 -27.12 -21.20
CA PRO A 31 8.85 -28.09 -22.21
C PRO A 31 8.68 -27.55 -23.64
N LYS A 32 9.54 -28.03 -24.54
CA LYS A 32 9.58 -27.58 -25.93
C LYS A 32 8.22 -27.22 -26.53
N ASP A 33 7.24 -28.09 -26.34
CA ASP A 33 5.93 -27.89 -26.96
C ASP A 33 5.24 -26.65 -26.40
N VAL A 34 5.42 -26.41 -25.11
CA VAL A 34 4.78 -25.27 -24.44
C VAL A 34 5.37 -23.96 -24.95
N VAL A 35 6.69 -23.94 -25.04
CA VAL A 35 7.41 -22.77 -25.51
C VAL A 35 6.81 -22.29 -26.83
N GLU A 36 6.94 -23.11 -27.88
CA GLU A 36 6.44 -22.78 -29.21
C GLU A 36 5.02 -22.23 -29.18
N LYS A 37 4.15 -22.84 -28.37
CA LYS A 37 2.78 -22.38 -28.27
C LYS A 37 2.70 -20.96 -27.73
N VAL A 38 3.60 -20.63 -26.79
CA VAL A 38 3.60 -19.34 -26.11
C VAL A 38 4.20 -18.25 -26.99
N LEU A 39 5.38 -18.54 -27.53
CA LEU A 39 6.08 -17.60 -28.40
C LEU A 39 5.17 -17.20 -29.55
N PHE A 40 4.36 -18.14 -29.99
CA PHE A 40 3.44 -17.90 -31.08
C PHE A 40 2.43 -16.84 -30.67
N VAL A 41 1.82 -17.01 -29.50
CA VAL A 41 0.87 -16.04 -28.99
C VAL A 41 1.52 -14.66 -28.83
N LEU A 42 2.64 -14.62 -28.11
CA LEU A 42 3.37 -13.38 -27.93
C LEU A 42 3.70 -12.69 -29.25
N ASN A 43 4.12 -13.47 -30.23
CA ASN A 43 4.53 -12.92 -31.52
C ASN A 43 3.38 -12.39 -32.37
N ASN A 44 2.17 -12.90 -32.14
CA ASN A 44 1.05 -12.54 -33.00
C ASN A 44 -0.03 -11.68 -32.35
N VAL A 45 0.03 -11.57 -31.02
CA VAL A 45 -0.98 -10.82 -30.28
C VAL A 45 -0.89 -9.32 -30.59
N THR A 46 -2.07 -8.72 -30.76
CA THR A 46 -2.19 -7.29 -30.98
C THR A 46 -3.33 -6.81 -30.11
N LEU A 47 -3.48 -5.49 -29.97
CA LEU A 47 -4.56 -4.95 -29.15
C LEU A 47 -5.89 -5.57 -29.56
N ALA A 48 -6.01 -5.90 -30.84
CA ALA A 48 -7.27 -6.40 -31.40
C ALA A 48 -7.57 -7.86 -31.02
N ASN A 49 -6.60 -8.74 -31.25
CA ASN A 49 -6.79 -10.16 -30.98
C ASN A 49 -6.44 -10.53 -29.54
N LEU A 50 -6.49 -9.56 -28.64
CA LEU A 50 -5.97 -9.72 -27.28
C LEU A 50 -6.64 -10.80 -26.44
N ASN A 51 -7.95 -10.68 -26.22
CA ASN A 51 -8.65 -11.62 -25.35
C ASN A 51 -8.72 -13.06 -25.88
N ASN A 52 -8.61 -13.21 -27.19
CA ASN A 52 -8.62 -14.55 -27.79
C ASN A 52 -7.24 -15.18 -27.71
N LYS A 53 -6.22 -14.39 -28.01
CA LYS A 53 -4.85 -14.89 -27.91
C LYS A 53 -4.55 -15.26 -26.47
N VAL A 54 -5.25 -14.62 -25.53
CA VAL A 54 -5.02 -14.85 -24.12
C VAL A 54 -5.61 -16.19 -23.66
N ASP A 55 -6.91 -16.39 -23.86
CA ASP A 55 -7.53 -17.65 -23.51
C ASP A 55 -6.83 -18.78 -24.26
N GLU A 56 -6.38 -18.46 -25.46
CA GLU A 56 -5.55 -19.38 -26.23
C GLU A 56 -4.24 -19.66 -25.48
N LEU A 57 -3.69 -18.62 -24.85
CA LEU A 57 -2.44 -18.75 -24.11
C LEU A 57 -2.64 -19.51 -22.80
N LYS A 58 -3.83 -19.39 -22.21
CA LYS A 58 -4.13 -20.05 -20.94
C LYS A 58 -4.09 -21.57 -21.06
N LYS A 59 -4.50 -22.08 -22.21
CA LYS A 59 -4.61 -23.53 -22.42
C LYS A 59 -3.25 -24.22 -22.44
N SER A 60 -2.19 -23.43 -22.39
CA SER A 60 -0.83 -23.97 -22.42
C SER A 60 -0.01 -23.42 -21.27
N LEU A 61 -0.43 -22.27 -20.73
CA LEU A 61 0.30 -21.63 -19.65
C LEU A 61 -0.41 -21.85 -18.31
N THR A 62 0.08 -22.83 -17.55
CA THR A 62 -0.47 -23.15 -16.25
C THR A 62 0.47 -22.58 -15.20
N PRO A 63 -0.06 -22.33 -13.99
CA PRO A 63 0.70 -21.64 -12.93
C PRO A 63 2.11 -22.18 -12.72
N ASN A 64 2.36 -23.44 -13.07
CA ASN A 64 3.72 -23.98 -12.89
C ASN A 64 4.72 -23.43 -13.90
N TYR A 65 4.22 -22.77 -14.95
CA TYR A 65 5.08 -22.17 -15.97
C TYR A 65 5.15 -20.64 -15.84
N PHE A 66 4.50 -20.08 -14.83
CA PHE A 66 4.47 -18.63 -14.66
C PHE A 66 5.86 -18.04 -14.50
N SER A 67 6.66 -18.65 -13.65
CA SER A 67 8.01 -18.15 -13.41
C SER A 67 8.85 -18.16 -14.69
N TRP A 68 8.70 -19.21 -15.49
CA TRP A 68 9.46 -19.35 -16.72
C TRP A 68 9.02 -18.31 -17.76
N PHE A 69 7.72 -18.09 -17.83
CA PHE A 69 7.16 -17.09 -18.71
C PHE A 69 7.67 -15.69 -18.34
N SER A 70 7.65 -15.39 -17.05
CA SER A 70 8.06 -14.08 -16.55
C SER A 70 9.52 -13.81 -16.84
N THR A 71 10.33 -14.84 -16.62
CA THR A 71 11.77 -14.73 -16.84
C THR A 71 12.03 -14.54 -18.33
N TYR A 72 11.25 -15.19 -19.17
CA TYR A 72 11.42 -14.98 -20.60
C TYR A 72 10.94 -13.60 -21.06
N LEU A 73 9.72 -13.22 -20.68
CA LEU A 73 9.11 -11.97 -21.16
C LEU A 73 9.84 -10.70 -20.69
N VAL A 74 10.31 -10.72 -19.45
CA VAL A 74 10.98 -9.54 -18.92
C VAL A 74 12.40 -9.40 -19.46
N THR A 75 13.19 -10.47 -19.39
CA THR A 75 14.60 -10.42 -19.80
C THR A 75 14.78 -10.33 -21.32
N GLN A 76 13.87 -10.93 -22.09
CA GLN A 76 14.05 -11.04 -23.54
C GLN A 76 13.17 -10.05 -24.34
N ARG A 77 12.09 -9.56 -23.71
CA ARG A 77 11.13 -8.70 -24.41
C ARG A 77 10.99 -7.28 -23.80
N ALA A 78 10.54 -7.18 -22.55
CA ALA A 78 10.39 -5.86 -21.91
C ALA A 78 11.68 -5.06 -21.85
N LYS A 79 12.81 -5.73 -21.64
CA LYS A 79 14.09 -5.06 -21.50
C LYS A 79 14.56 -4.41 -22.81
N THR A 80 14.02 -4.87 -23.93
CA THR A 80 14.52 -4.45 -25.23
C THR A 80 13.40 -3.99 -26.20
N GLU A 81 12.15 -4.06 -25.77
CA GLU A 81 11.04 -3.66 -26.66
C GLU A 81 10.05 -2.67 -26.00
N PRO A 82 10.53 -1.46 -25.71
CA PRO A 82 9.69 -0.45 -25.05
C PRO A 82 8.41 -0.17 -25.82
N ASN A 83 8.42 -0.26 -27.15
CA ASN A 83 7.20 0.01 -27.92
C ASN A 83 6.10 -1.00 -27.63
N TYR A 84 6.43 -2.10 -26.97
CA TYR A 84 5.43 -3.13 -26.71
C TYR A 84 5.06 -3.31 -25.24
N HIS A 85 5.48 -2.37 -24.41
CA HIS A 85 5.17 -2.45 -22.99
C HIS A 85 3.67 -2.43 -22.71
N ASP A 86 2.93 -1.58 -23.42
CA ASP A 86 1.50 -1.50 -23.18
C ASP A 86 0.81 -2.81 -23.53
N LEU A 87 1.19 -3.37 -24.68
CA LEU A 87 0.68 -4.67 -25.08
C LEU A 87 0.99 -5.76 -24.05
N TYR A 88 2.27 -5.95 -23.72
CA TYR A 88 2.66 -7.03 -22.81
C TYR A 88 2.00 -6.85 -21.46
N SER A 89 1.87 -5.59 -21.04
CA SER A 89 1.22 -5.26 -19.79
C SER A 89 -0.24 -5.71 -19.82
N LYS A 90 -0.91 -5.51 -20.94
CA LYS A 90 -2.31 -5.89 -21.05
C LYS A 90 -2.49 -7.41 -21.09
N VAL A 91 -1.52 -8.11 -21.68
CA VAL A 91 -1.53 -9.56 -21.63
C VAL A 91 -1.50 -10.03 -20.18
N ILE A 92 -0.64 -9.43 -19.36
CA ILE A 92 -0.53 -9.81 -17.96
C ILE A 92 -1.85 -9.60 -17.23
N VAL A 93 -2.44 -8.42 -17.42
CA VAL A 93 -3.73 -8.13 -16.82
C VAL A 93 -4.78 -9.12 -17.33
N ALA A 94 -4.77 -9.39 -18.64
CA ALA A 94 -5.71 -10.32 -19.25
C ALA A 94 -5.67 -11.70 -18.58
N MET A 95 -4.48 -12.14 -18.21
CA MET A 95 -4.27 -13.44 -17.59
C MET A 95 -4.96 -13.57 -16.22
N GLY A 96 -5.30 -12.45 -15.61
CA GLY A 96 -6.04 -12.46 -14.35
C GLY A 96 -5.36 -13.12 -13.15
N SER A 97 -4.08 -13.44 -13.28
CA SER A 97 -3.37 -14.11 -12.19
C SER A 97 -2.48 -13.18 -11.37
N GLY A 98 -2.80 -13.07 -10.08
CA GLY A 98 -2.01 -12.30 -9.14
C GLY A 98 -0.62 -12.87 -8.97
N LEU A 99 -0.53 -14.19 -9.01
CA LEU A 99 0.76 -14.88 -8.94
C LEU A 99 1.67 -14.58 -10.14
N LEU A 100 1.12 -14.63 -11.35
CA LEU A 100 1.91 -14.30 -12.53
C LEU A 100 2.47 -12.89 -12.42
N HIS A 101 1.66 -11.97 -11.91
CA HIS A 101 2.04 -10.58 -11.78
C HIS A 101 3.24 -10.40 -10.84
N GLN A 102 3.25 -11.16 -9.76
CA GLN A 102 4.33 -11.14 -8.78
C GLN A 102 5.66 -11.62 -9.39
N PHE A 103 5.61 -12.73 -10.14
CA PHE A 103 6.79 -13.18 -10.87
C PHE A 103 7.29 -12.08 -11.82
N MET A 104 6.39 -11.52 -12.62
CA MET A 104 6.76 -10.41 -13.50
C MET A 104 7.48 -9.29 -12.73
N VAL A 105 6.89 -8.85 -11.62
CA VAL A 105 7.53 -7.79 -10.83
C VAL A 105 8.88 -8.24 -10.29
N ASN A 106 8.93 -9.45 -9.74
CA ASN A 106 10.15 -9.98 -9.15
C ASN A 106 11.28 -10.05 -10.16
N VAL A 107 11.02 -10.57 -11.35
CA VAL A 107 12.07 -10.66 -12.34
C VAL A 107 12.55 -9.28 -12.76
N THR A 108 11.63 -8.32 -12.80
CA THR A 108 11.99 -6.96 -13.19
C THR A 108 12.93 -6.37 -12.14
N LEU A 109 12.63 -6.60 -10.85
CA LEU A 109 13.51 -6.14 -9.77
C LEU A 109 14.90 -6.79 -9.83
N ARG A 110 14.96 -8.06 -10.25
CA ARG A 110 16.24 -8.73 -10.38
C ARG A 110 17.12 -8.05 -11.42
N GLN A 111 16.54 -7.80 -12.58
CA GLN A 111 17.26 -7.15 -13.67
C GLN A 111 17.79 -5.79 -13.27
N LEU A 112 16.93 -5.00 -12.62
CA LEU A 112 17.29 -3.65 -12.20
C LEU A 112 18.34 -3.69 -11.11
N PHE A 113 18.15 -4.56 -10.14
CA PHE A 113 19.12 -4.70 -9.08
C PHE A 113 20.53 -4.87 -9.67
N VAL A 114 20.70 -5.83 -10.56
CA VAL A 114 22.02 -6.05 -11.19
C VAL A 114 22.57 -4.78 -11.85
N LEU A 115 21.73 -4.10 -12.64
CA LEU A 115 22.16 -2.89 -13.32
C LEU A 115 22.60 -1.80 -12.34
N LEU A 116 21.75 -1.50 -11.36
CA LEU A 116 21.99 -0.38 -10.47
C LEU A 116 23.15 -0.66 -9.52
N SER A 117 23.48 -1.93 -9.39
CA SER A 117 24.58 -2.37 -8.55
C SER A 117 25.92 -2.31 -9.26
N THR A 118 25.89 -2.26 -10.59
CA THR A 118 27.14 -2.29 -11.36
C THR A 118 28.03 -1.09 -11.04
N LYS A 119 29.20 -1.39 -10.49
CA LYS A 119 30.16 -0.35 -10.11
C LYS A 119 30.54 0.61 -11.25
N ASP A 120 30.86 0.06 -12.42
CA ASP A 120 31.30 0.86 -13.54
C ASP A 120 30.11 1.36 -14.38
N GLU A 121 29.76 2.64 -14.24
CA GLU A 121 28.69 3.24 -15.05
C GLU A 121 28.77 2.89 -16.54
N GLN A 122 29.98 2.92 -17.09
CA GLN A 122 30.19 2.66 -18.50
C GLN A 122 29.68 1.28 -18.91
N ALA A 123 29.67 0.36 -17.95
CA ALA A 123 29.21 -1.00 -18.22
C ALA A 123 27.70 -1.17 -18.11
N ILE A 124 27.01 -0.12 -17.68
CA ILE A 124 25.55 -0.15 -17.61
C ILE A 124 24.96 0.26 -18.96
N ASP A 125 24.13 -0.60 -19.53
CA ASP A 125 23.38 -0.29 -20.73
C ASP A 125 22.19 0.60 -20.33
N LYS A 126 22.31 1.90 -20.59
CA LYS A 126 21.32 2.88 -20.15
C LYS A 126 19.96 2.67 -20.81
N LYS A 127 19.99 2.02 -21.97
CA LYS A 127 18.77 1.70 -22.69
C LYS A 127 18.01 0.58 -21.97
N HIS A 128 18.73 -0.46 -21.58
CA HIS A 128 18.14 -1.54 -20.80
C HIS A 128 17.61 -1.01 -19.47
N LEU A 129 18.39 -0.14 -18.85
CA LEU A 129 18.02 0.44 -17.57
C LEU A 129 16.74 1.24 -17.70
N LYS A 130 16.69 2.11 -18.69
CA LYS A 130 15.52 2.94 -18.92
C LYS A 130 14.28 2.10 -19.26
N ASN A 131 14.43 1.10 -20.12
CA ASN A 131 13.33 0.20 -20.45
C ASN A 131 12.80 -0.60 -19.26
N LEU A 132 13.68 -1.12 -18.41
CA LEU A 132 13.23 -1.89 -17.24
C LEU A 132 12.56 -1.00 -16.18
N ALA A 133 13.06 0.22 -15.99
CA ALA A 133 12.43 1.17 -15.08
C ALA A 133 11.02 1.51 -15.56
N SER A 134 10.90 1.82 -16.83
CA SER A 134 9.62 2.18 -17.43
C SER A 134 8.65 0.99 -17.41
N TRP A 135 9.16 -0.19 -17.71
CA TRP A 135 8.37 -1.42 -17.63
C TRP A 135 7.83 -1.68 -16.22
N LEU A 136 8.67 -1.46 -15.22
CA LEU A 136 8.26 -1.65 -13.83
C LEU A 136 7.11 -0.71 -13.47
N GLY A 137 7.24 0.57 -13.81
CA GLY A 137 6.15 1.50 -13.56
C GLY A 137 4.91 1.08 -14.32
N CYS A 138 5.13 0.51 -15.49
CA CYS A 138 4.06 0.09 -16.37
C CYS A 138 3.15 -0.94 -15.70
N ILE A 139 3.75 -1.89 -14.99
CA ILE A 139 2.97 -2.98 -14.40
C ILE A 139 2.71 -2.81 -12.90
N THR A 140 3.08 -1.66 -12.35
CA THR A 140 2.79 -1.38 -10.95
C THR A 140 1.97 -0.09 -10.83
N LEU A 141 2.65 1.05 -10.79
CA LEU A 141 2.00 2.34 -10.59
C LEU A 141 0.90 2.62 -11.62
N ALA A 142 1.18 2.35 -12.88
CA ALA A 142 0.21 2.61 -13.93
C ALA A 142 -1.05 1.78 -13.77
N LEU A 143 -0.93 0.70 -12.99
CA LEU A 143 -2.06 -0.20 -12.72
C LEU A 143 -2.58 -0.02 -11.31
N ASN A 144 -2.31 1.13 -10.70
CA ASN A 144 -2.73 1.37 -9.31
C ASN A 144 -2.26 0.28 -8.35
N LYS A 145 -1.05 -0.22 -8.55
CA LYS A 145 -0.40 -1.16 -7.65
C LYS A 145 0.91 -0.57 -7.16
N PRO A 146 1.15 -0.64 -5.85
CA PRO A 146 2.34 0.04 -5.33
C PRO A 146 3.64 -0.73 -5.56
N ILE A 147 4.76 -0.03 -5.42
CA ILE A 147 6.06 -0.67 -5.32
C ILE A 147 6.41 -0.63 -3.85
N LYS A 148 6.64 -1.80 -3.27
CA LYS A 148 6.85 -1.91 -1.84
C LYS A 148 8.19 -1.38 -1.38
N HIS A 149 8.14 -0.68 -0.25
CA HIS A 149 9.32 -0.07 0.35
C HIS A 149 10.42 -1.09 0.61
N LYS A 150 10.03 -2.31 0.99
CA LYS A 150 11.02 -3.37 1.21
C LYS A 150 11.77 -3.79 -0.07
N ASN A 151 11.22 -3.46 -1.24
CA ASN A 151 11.90 -3.69 -2.51
C ASN A 151 12.69 -2.47 -2.99
N ILE A 152 12.05 -1.32 -2.94
CA ILE A 152 12.72 -0.07 -3.30
C ILE A 152 12.30 1.06 -2.39
N ALA A 153 13.28 1.62 -1.68
CA ALA A 153 13.06 2.79 -0.83
C ALA A 153 13.56 4.03 -1.58
N PHE A 154 12.66 4.66 -2.32
CA PHE A 154 13.03 5.72 -3.27
C PHE A 154 13.72 6.91 -2.67
N ARG A 155 13.10 7.49 -1.66
CA ARG A 155 13.66 8.66 -0.99
C ARG A 155 15.04 8.39 -0.40
N GLU A 156 15.16 7.28 0.32
CA GLU A 156 16.45 6.88 0.88
C GLU A 156 17.48 6.51 -0.20
N MET A 157 17.01 5.96 -1.32
CA MET A 157 17.88 5.70 -2.46
C MET A 157 18.46 7.00 -3.04
N LEU A 158 17.62 8.02 -3.14
CA LEU A 158 18.07 9.26 -3.74
C LEU A 158 19.08 9.98 -2.86
N ILE A 159 18.81 9.95 -1.55
CA ILE A 159 19.67 10.61 -0.57
C ILE A 159 21.04 9.93 -0.57
N GLU A 160 21.03 8.61 -0.70
CA GLU A 160 22.26 7.83 -0.72
C GLU A 160 23.01 8.04 -2.04
N ALA A 161 22.28 8.02 -3.15
CA ALA A 161 22.89 8.27 -4.46
C ALA A 161 23.59 9.62 -4.46
N TYR A 162 23.02 10.58 -3.72
CA TYR A 162 23.63 11.88 -3.57
C TYR A 162 25.00 11.89 -2.88
N LYS A 163 25.17 11.11 -1.81
CA LYS A 163 26.45 11.12 -1.11
C LYS A 163 27.46 10.17 -1.75
N GLU A 164 26.97 9.20 -2.53
CA GLU A 164 27.85 8.26 -3.21
C GLU A 164 28.10 8.70 -4.64
N ASN A 165 27.53 9.83 -5.01
CA ASN A 165 27.70 10.37 -6.36
C ASN A 165 27.21 9.40 -7.43
N ARG A 166 25.98 8.93 -7.26
CA ARG A 166 25.35 7.95 -8.15
C ARG A 166 24.08 8.49 -8.80
N LEU A 167 23.83 9.79 -8.63
CA LEU A 167 22.61 10.41 -9.13
C LEU A 167 22.39 10.27 -10.62
N GLU A 168 23.48 10.36 -11.38
CA GLU A 168 23.38 10.28 -12.84
C GLU A 168 22.80 8.95 -13.27
N ILE A 169 22.88 7.96 -12.40
CA ILE A 169 22.27 6.66 -12.68
C ILE A 169 20.90 6.55 -12.01
N VAL A 170 20.82 6.94 -10.75
CA VAL A 170 19.59 6.73 -9.98
C VAL A 170 18.45 7.65 -10.41
N VAL A 171 18.74 8.92 -10.66
CA VAL A 171 17.68 9.84 -11.03
C VAL A 171 16.90 9.38 -12.26
N PRO A 172 17.58 9.14 -13.41
CA PRO A 172 16.84 8.70 -14.60
C PRO A 172 16.03 7.44 -14.37
N PHE A 173 16.53 6.55 -13.53
CA PHE A 173 15.79 5.35 -13.14
C PHE A 173 14.51 5.73 -12.39
N VAL A 174 14.63 6.54 -11.34
CA VAL A 174 13.45 7.00 -10.59
C VAL A 174 12.42 7.73 -11.47
N THR A 175 12.89 8.71 -12.24
CA THR A 175 11.97 9.50 -13.06
C THR A 175 11.24 8.68 -14.12
N LYS A 176 11.85 7.58 -14.56
CA LYS A 176 11.21 6.69 -15.54
C LYS A 176 10.05 5.92 -14.94
N ILE A 177 10.25 5.44 -13.72
CA ILE A 177 9.21 4.77 -12.97
C ILE A 177 8.08 5.74 -12.63
N LEU A 178 8.43 6.88 -12.03
CA LEU A 178 7.41 7.83 -11.61
C LEU A 178 6.55 8.36 -12.78
N GLN A 179 7.15 8.50 -13.95
CA GLN A 179 6.40 8.92 -15.15
C GLN A 179 5.12 8.10 -15.32
N ARG A 180 5.22 6.79 -15.11
CA ARG A 180 4.08 5.90 -15.27
C ARG A 180 2.90 6.16 -14.30
N ALA A 181 3.12 7.01 -13.30
CA ALA A 181 2.04 7.34 -12.38
C ALA A 181 1.13 8.44 -12.95
N SER A 182 1.51 9.00 -14.10
CA SER A 182 0.85 10.18 -14.66
C SER A 182 -0.58 9.94 -15.14
N GLU A 183 -0.93 8.71 -15.44
CA GLU A 183 -2.30 8.41 -15.81
C GLU A 183 -2.96 7.48 -14.77
N SER A 184 -2.23 7.16 -13.71
CA SER A 184 -2.78 6.38 -12.60
C SER A 184 -3.60 7.27 -11.66
N LYS A 185 -4.87 6.93 -11.50
CA LYS A 185 -5.74 7.69 -10.62
C LYS A 185 -5.30 7.71 -9.14
N ILE A 186 -4.76 6.61 -8.61
CA ILE A 186 -4.31 6.68 -7.22
C ILE A 186 -2.94 7.33 -7.05
N PHE A 187 -2.02 7.08 -7.99
CA PHE A 187 -0.61 7.50 -7.81
C PHE A 187 -0.19 8.85 -8.39
N LYS A 188 -1.02 9.46 -9.21
CA LYS A 188 -0.70 10.81 -9.68
C LYS A 188 -0.81 11.76 -8.50
N PRO A 189 -0.09 12.89 -8.55
CA PRO A 189 -0.28 13.93 -7.53
C PRO A 189 -1.76 14.34 -7.45
N PRO A 190 -2.27 14.59 -6.22
CA PRO A 190 -1.51 14.79 -4.98
C PRO A 190 -1.20 13.53 -4.14
N ASN A 191 -1.21 12.34 -4.72
CA ASN A 191 -0.74 11.17 -3.95
C ASN A 191 0.49 11.55 -3.14
N PRO A 192 0.42 11.39 -1.81
CA PRO A 192 1.48 11.89 -0.91
C PRO A 192 2.80 11.13 -1.03
N TRP A 193 2.72 9.85 -1.39
CA TRP A 193 3.92 9.07 -1.71
C TRP A 193 4.64 9.63 -2.94
N THR A 194 3.88 9.90 -3.99
CA THR A 194 4.47 10.44 -5.21
C THR A 194 5.02 11.85 -5.00
N VAL A 195 4.20 12.70 -4.41
CA VAL A 195 4.59 14.08 -4.11
C VAL A 195 5.87 14.17 -3.27
N GLY A 196 6.03 13.29 -2.29
CA GLY A 196 7.18 13.30 -1.40
C GLY A 196 8.48 12.96 -2.10
N ILE A 197 8.42 12.08 -3.11
CA ILE A 197 9.58 11.82 -3.95
C ILE A 197 9.88 13.03 -4.86
N LEU A 198 8.82 13.66 -5.38
CA LEU A 198 8.98 14.85 -6.19
C LEU A 198 9.67 15.98 -5.41
N LYS A 199 9.27 16.15 -4.15
CA LYS A 199 9.87 17.19 -3.30
C LYS A 199 11.35 16.99 -3.12
N LEU A 200 11.77 15.73 -3.08
CA LEU A 200 13.19 15.42 -2.94
C LEU A 200 13.90 15.65 -4.28
N LEU A 201 13.28 15.27 -5.37
CA LEU A 201 13.84 15.56 -6.69
C LEU A 201 13.99 17.08 -6.85
N ILE A 202 13.02 17.82 -6.32
CA ILE A 202 13.09 19.28 -6.42
C ILE A 202 14.21 19.83 -5.57
N GLU A 203 14.44 19.20 -4.42
CA GLU A 203 15.51 19.63 -3.53
C GLU A 203 16.86 19.35 -4.18
N LEU A 204 17.01 18.15 -4.71
CA LEU A 204 18.27 17.77 -5.34
C LEU A 204 18.56 18.74 -6.48
N ASN A 205 17.54 19.02 -7.29
CA ASN A 205 17.67 19.93 -8.42
C ASN A 205 18.21 21.30 -8.04
N GLU A 206 17.94 21.74 -6.82
CA GLU A 206 18.43 23.04 -6.39
C GLU A 206 19.83 22.94 -5.78
N LYS A 207 20.09 21.87 -5.04
CA LYS A 207 21.29 21.75 -4.19
C LYS A 207 22.42 20.87 -4.71
N ALA A 208 22.10 19.93 -5.60
CA ALA A 208 23.09 18.94 -5.99
C ALA A 208 24.15 19.51 -6.94
N ASN A 209 23.86 20.66 -7.54
CA ASN A 209 24.74 21.26 -8.55
C ASN A 209 25.11 20.22 -9.59
N TRP A 210 24.11 19.47 -10.01
CA TRP A 210 24.31 18.36 -10.93
C TRP A 210 24.25 18.87 -12.36
N LYS A 211 24.37 17.97 -13.34
CA LYS A 211 24.48 18.41 -14.73
C LYS A 211 23.11 18.65 -15.37
N LEU A 212 23.11 19.39 -16.47
CA LEU A 212 21.87 19.84 -17.10
C LEU A 212 20.89 18.73 -17.44
N SER A 213 21.39 17.62 -17.96
CA SER A 213 20.49 16.54 -18.36
C SER A 213 19.64 16.09 -17.18
N LEU A 214 20.19 16.12 -15.98
CA LEU A 214 19.41 15.78 -14.79
C LEU A 214 18.34 16.83 -14.49
N THR A 215 18.71 18.11 -14.53
CA THR A 215 17.72 19.19 -14.36
C THR A 215 16.59 19.00 -15.36
N PHE A 216 16.93 18.66 -16.59
CA PHE A 216 15.91 18.48 -17.62
C PHE A 216 15.03 17.29 -17.29
N GLU A 217 15.64 16.23 -16.76
CA GLU A 217 14.91 15.03 -16.43
C GLU A 217 13.80 15.33 -15.41
N VAL A 218 14.13 16.13 -14.41
CA VAL A 218 13.17 16.45 -13.36
C VAL A 218 12.07 17.37 -13.88
N GLU A 219 12.45 18.33 -14.71
CA GLU A 219 11.47 19.25 -15.31
C GLU A 219 10.49 18.49 -16.18
N VAL A 220 11.00 17.54 -16.95
CA VAL A 220 10.15 16.72 -17.79
C VAL A 220 9.20 15.83 -17.00
N LEU A 221 9.68 15.26 -15.89
CA LEU A 221 8.80 14.48 -15.02
C LEU A 221 7.67 15.35 -14.47
N LEU A 222 8.01 16.52 -13.94
CA LEU A 222 7.03 17.42 -13.35
C LEU A 222 5.96 17.81 -14.37
N LYS A 223 6.39 18.06 -15.61
CA LYS A 223 5.50 18.48 -16.67
C LYS A 223 4.46 17.41 -16.98
N SER A 224 4.83 16.15 -16.83
CA SER A 224 3.87 15.08 -17.14
C SER A 224 2.74 15.07 -16.09
N PHE A 225 3.01 15.65 -14.93
CA PHE A 225 1.96 15.86 -13.91
C PHE A 225 1.42 17.28 -13.96
N ASN A 226 1.82 18.02 -14.98
CA ASN A 226 1.44 19.43 -15.11
C ASN A 226 1.82 20.24 -13.87
N LEU A 227 3.06 20.09 -13.44
CA LEU A 227 3.59 20.82 -12.30
C LEU A 227 4.90 21.41 -12.77
N THR A 228 5.50 22.26 -11.94
CA THR A 228 6.82 22.80 -12.20
C THR A 228 7.60 22.69 -10.91
N THR A 229 8.90 22.96 -10.95
CA THR A 229 9.74 22.94 -9.75
C THR A 229 9.28 23.97 -8.70
N LYS A 230 8.27 24.76 -9.02
CA LYS A 230 7.77 25.77 -8.08
C LYS A 230 6.41 25.39 -7.53
N SER A 231 5.87 24.28 -8.01
CA SER A 231 4.56 23.79 -7.57
C SER A 231 4.61 23.14 -6.20
N LEU A 232 5.78 22.70 -5.75
CA LEU A 232 5.90 22.05 -4.43
C LEU A 232 7.14 22.54 -3.72
N LYS A 233 7.08 22.67 -2.39
CA LYS A 233 8.26 23.08 -1.64
C LYS A 233 9.24 21.91 -1.58
N PRO A 234 10.55 22.21 -1.67
CA PRO A 234 11.53 21.12 -1.61
C PRO A 234 11.61 20.49 -0.22
N SER A 235 11.98 19.21 -0.16
CA SER A 235 12.18 18.61 1.14
C SER A 235 13.47 19.22 1.67
N ASN A 236 13.89 18.82 2.86
CA ASN A 236 15.14 19.32 3.42
C ASN A 236 15.99 18.18 3.96
N PHE A 237 16.30 17.22 3.11
CA PHE A 237 17.11 16.09 3.52
C PHE A 237 18.59 16.30 3.20
N ILE A 238 18.88 17.25 2.31
CA ILE A 238 20.23 17.36 1.75
C ILE A 238 21.06 18.51 2.31
N ASN A 239 22.26 18.20 2.79
CA ASN A 239 23.22 19.20 3.26
C ASN A 239 24.49 19.29 2.44
N MET B 3 -14.93 -19.86 26.48
CA MET B 3 -14.46 -18.49 26.74
C MET B 3 -13.15 -18.21 26.01
N PHE B 4 -12.78 -16.94 25.96
CA PHE B 4 -11.64 -16.51 25.16
C PHE B 4 -10.63 -15.71 25.99
N LEU B 5 -9.44 -16.30 26.16
CA LEU B 5 -8.36 -15.70 26.93
C LEU B 5 -7.09 -15.56 26.12
N PRO B 6 -6.95 -14.45 25.38
CA PRO B 6 -5.73 -14.20 24.59
C PRO B 6 -4.51 -14.16 25.51
N PRO B 7 -3.36 -14.63 25.00
CA PRO B 7 -2.14 -14.67 25.82
C PRO B 7 -1.67 -13.27 26.23
N PRO B 8 -1.10 -13.16 27.43
CA PRO B 8 -0.81 -11.88 28.08
C PRO B 8 -0.02 -10.95 27.17
N ASN B 9 0.93 -11.50 26.44
CA ASN B 9 1.85 -10.70 25.66
C ASN B 9 1.22 -10.03 24.44
N TYR B 10 0.04 -10.50 24.03
CA TYR B 10 -0.70 -9.84 22.96
C TYR B 10 -1.33 -8.52 23.44
N LEU B 11 -1.50 -8.37 24.75
CA LEU B 11 -2.19 -7.23 25.30
C LEU B 11 -1.21 -6.10 25.57
N PHE B 12 -0.72 -5.50 24.51
CA PHE B 12 0.28 -4.45 24.61
C PHE B 12 0.14 -3.53 23.41
N VAL B 13 0.07 -2.23 23.68
CA VAL B 13 -0.09 -1.22 22.64
C VAL B 13 1.12 -0.32 22.63
N ARG B 14 1.78 -0.23 21.48
CA ARG B 14 2.95 0.61 21.32
C ARG B 14 2.55 2.01 20.84
N ASP B 15 2.88 3.02 21.63
CA ASP B 15 2.62 4.40 21.25
C ASP B 15 3.66 4.87 20.27
N VAL B 16 3.21 5.54 19.22
CA VAL B 16 4.11 6.04 18.18
C VAL B 16 4.05 7.56 18.11
N TRP B 17 5.21 8.18 18.23
CA TRP B 17 5.32 9.61 18.07
C TRP B 17 6.29 9.83 16.95
N LYS B 18 6.53 11.10 16.65
CA LYS B 18 7.43 11.49 15.58
C LYS B 18 8.78 10.77 15.67
N SER B 19 9.29 10.64 16.88
CA SER B 19 10.64 10.09 17.09
C SER B 19 10.76 8.61 16.71
N ASN B 20 9.68 7.84 16.83
CA ASN B 20 9.75 6.42 16.50
C ASN B 20 8.87 5.98 15.33
N LEU B 21 8.30 6.94 14.63
CA LEU B 21 7.49 6.65 13.46
C LEU B 21 8.17 5.73 12.45
N TYR B 22 9.44 5.99 12.16
CA TYR B 22 10.15 5.23 11.12
C TYR B 22 10.57 3.84 11.57
N SER B 23 11.16 3.76 12.77
CA SER B 23 11.54 2.45 13.29
C SER B 23 10.31 1.56 13.48
N GLU B 24 9.17 2.15 13.80
CA GLU B 24 7.98 1.31 13.96
C GLU B 24 7.41 0.83 12.62
N PHE B 25 7.44 1.67 11.58
CA PHE B 25 7.10 1.19 10.25
C PHE B 25 8.04 0.09 9.73
N ALA B 26 9.34 0.19 10.00
CA ALA B 26 10.24 -0.90 9.66
C ALA B 26 9.74 -2.21 10.26
N VAL B 27 9.31 -2.17 11.52
CA VAL B 27 8.76 -3.38 12.15
C VAL B 27 7.51 -3.86 11.45
N ILE B 28 6.59 -2.93 11.17
CA ILE B 28 5.35 -3.28 10.46
C ILE B 28 5.59 -3.92 9.08
N ARG B 29 6.58 -3.43 8.33
CA ARG B 29 6.94 -4.02 7.03
C ARG B 29 7.41 -5.47 7.09
N GLN B 30 8.23 -5.82 8.08
CA GLN B 30 8.66 -7.22 8.23
C GLN B 30 7.47 -8.13 8.53
N LEU B 31 6.48 -7.62 9.24
CA LEU B 31 5.41 -8.47 9.76
C LEU B 31 4.27 -8.78 8.81
N VAL B 32 4.10 -7.98 7.75
CA VAL B 32 2.84 -7.99 7.01
C VAL B 32 2.58 -9.23 6.15
N SER B 33 3.63 -9.81 5.58
CA SER B 33 3.49 -11.06 4.82
C SER B 33 2.84 -12.19 5.62
N GLN B 34 3.30 -12.40 6.84
CA GLN B 34 2.74 -13.44 7.68
C GLN B 34 1.53 -12.94 8.47
N TYR B 35 1.62 -11.75 9.02
CA TYR B 35 0.54 -11.25 9.86
C TYR B 35 -0.27 -10.26 9.02
N ASN B 36 -1.16 -10.81 8.22
CA ASN B 36 -1.75 -10.11 7.10
C ASN B 36 -3.19 -9.71 7.33
N HIS B 37 -3.63 -9.80 8.58
CA HIS B 37 -4.92 -9.24 8.93
C HIS B 37 -4.63 -7.99 9.71
N VAL B 38 -5.21 -6.87 9.29
CA VAL B 38 -4.94 -5.60 9.94
C VAL B 38 -6.25 -4.90 10.29
N SER B 39 -6.34 -4.43 11.53
CA SER B 39 -7.54 -3.73 12.00
C SER B 39 -7.20 -2.28 12.21
N ILE B 40 -8.22 -1.43 12.12
CA ILE B 40 -8.01 0.00 12.27
C ILE B 40 -9.06 0.64 13.17
N SER B 41 -8.61 1.60 13.97
CA SER B 41 -9.50 2.41 14.76
C SER B 41 -9.00 3.87 14.70
N THR B 42 -9.91 4.83 14.76
CA THR B 42 -9.52 6.22 14.79
C THR B 42 -10.23 7.05 15.86
N GLU B 43 -9.70 8.25 16.09
CA GLU B 43 -10.21 9.17 17.08
C GLU B 43 -9.96 10.58 16.53
N PHE B 44 -10.98 11.45 16.53
CA PHE B 44 -10.79 12.81 16.00
C PHE B 44 -11.12 13.88 17.04
N VAL B 45 -10.64 15.10 16.80
CA VAL B 45 -10.70 16.17 17.80
C VAL B 45 -12.12 16.61 18.19
N GLY B 46 -12.80 17.30 17.28
CA GLY B 46 -14.01 18.02 17.66
C GLY B 46 -15.29 17.23 17.82
N THR B 47 -16.36 17.76 17.21
CA THR B 47 -17.66 17.13 17.22
C THR B 47 -18.25 17.26 15.83
N LEU B 48 -18.77 16.16 15.30
CA LEU B 48 -19.29 16.14 13.95
C LEU B 48 -20.32 17.25 13.78
N ALA B 49 -20.40 17.84 12.58
CA ALA B 49 -21.35 18.91 12.33
C ALA B 49 -22.57 18.47 11.52
N ARG B 50 -23.71 19.09 11.82
CA ARG B 50 -25.00 18.83 11.16
C ARG B 50 -24.89 18.25 9.75
N LYS B 58 -32.48 8.06 0.46
CA LYS B 58 -31.22 8.78 0.30
C LYS B 58 -30.32 8.68 1.53
N VAL B 59 -29.50 7.63 1.56
CA VAL B 59 -28.39 7.52 2.50
C VAL B 59 -27.22 8.34 1.93
N ASP B 60 -27.57 9.32 1.09
CA ASP B 60 -26.64 10.29 0.54
C ASP B 60 -26.48 11.45 1.52
N TYR B 61 -27.40 11.57 2.47
CA TYR B 61 -27.27 12.54 3.54
C TYR B 61 -26.15 12.11 4.48
N HIS B 62 -26.08 10.81 4.75
CA HIS B 62 -25.04 10.27 5.61
C HIS B 62 -23.67 10.49 4.97
N TYR B 63 -23.50 10.04 3.73
CA TYR B 63 -22.22 10.26 3.05
C TYR B 63 -21.82 11.73 2.99
N GLN B 64 -22.76 12.60 2.63
CA GLN B 64 -22.41 14.01 2.42
C GLN B 64 -21.92 14.65 3.70
N THR B 65 -22.37 14.16 4.84
CA THR B 65 -21.93 14.75 6.10
C THR B 65 -20.55 14.25 6.50
N MET B 66 -20.31 12.96 6.31
CA MET B 66 -18.97 12.45 6.52
C MET B 66 -17.98 13.17 5.62
N ARG B 67 -18.36 13.34 4.35
CA ARG B 67 -17.48 14.02 3.41
C ARG B 67 -17.00 15.36 3.98
N ALA B 68 -17.95 16.24 4.30
CA ALA B 68 -17.63 17.59 4.81
C ALA B 68 -16.85 17.52 6.10
N ASN B 69 -17.25 16.61 6.99
CA ASN B 69 -16.56 16.52 8.26
C ASN B 69 -15.13 16.05 8.14
N VAL B 70 -14.92 14.98 7.36
CA VAL B 70 -13.58 14.45 7.17
C VAL B 70 -12.70 15.48 6.50
N ASP B 71 -13.25 16.23 5.56
CA ASP B 71 -12.50 17.30 4.90
C ASP B 71 -11.99 18.31 5.89
N PHE B 72 -12.84 18.67 6.85
CA PHE B 72 -12.51 19.71 7.82
C PHE B 72 -11.67 19.17 8.97
N LEU B 73 -12.25 18.23 9.69
CA LEU B 73 -11.70 17.72 10.95
C LEU B 73 -10.37 17.00 10.82
N ASN B 74 -9.70 16.90 11.97
CA ASN B 74 -8.36 16.34 12.05
C ASN B 74 -8.39 15.10 12.93
N PRO B 75 -7.93 13.96 12.38
CA PRO B 75 -7.75 12.76 13.20
C PRO B 75 -6.59 13.00 14.16
N ILE B 76 -6.76 12.61 15.42
CA ILE B 76 -5.73 12.88 16.44
C ILE B 76 -4.99 11.58 16.81
N GLN B 77 -5.68 10.45 16.70
CA GLN B 77 -5.03 9.15 16.90
C GLN B 77 -5.53 8.11 15.90
N LEU B 78 -4.64 7.21 15.53
CA LEU B 78 -4.98 6.11 14.64
C LEU B 78 -4.36 4.82 15.18
N GLY B 79 -5.18 3.78 15.36
CA GLY B 79 -4.72 2.51 15.90
C GLY B 79 -4.68 1.40 14.85
N LEU B 80 -3.53 0.74 14.71
CA LEU B 80 -3.39 -0.43 13.84
C LEU B 80 -2.95 -1.68 14.64
N SER B 81 -3.58 -2.81 14.40
CA SER B 81 -3.15 -4.06 15.00
C SER B 81 -2.99 -5.15 13.91
N LEU B 82 -1.98 -6.00 14.05
CA LEU B 82 -1.71 -7.06 13.07
C LEU B 82 -1.77 -8.45 13.68
N SER B 83 -2.45 -9.38 13.02
CA SER B 83 -2.39 -10.79 13.35
C SER B 83 -2.47 -11.59 12.06
N ASP B 84 -2.38 -12.92 12.15
CA ASP B 84 -2.70 -13.77 11.01
C ASP B 84 -4.18 -14.13 11.04
N ALA B 85 -4.64 -14.93 10.08
CA ALA B 85 -6.07 -15.26 9.97
C ALA B 85 -6.64 -15.88 11.24
N ASN B 86 -5.78 -16.43 12.09
CA ASN B 86 -6.23 -17.10 13.32
C ASN B 86 -6.10 -16.30 14.59
N GLY B 87 -5.72 -15.04 14.45
CA GLY B 87 -5.51 -14.18 15.59
C GLY B 87 -4.16 -14.39 16.25
N ASN B 88 -3.29 -15.17 15.62
CA ASN B 88 -1.92 -15.30 16.11
C ASN B 88 -1.11 -14.02 15.89
N LYS B 89 -0.26 -13.68 16.85
CA LYS B 89 0.58 -12.49 16.76
C LYS B 89 2.03 -12.87 17.00
N PRO B 90 2.98 -12.03 16.55
CA PRO B 90 4.38 -12.39 16.81
C PRO B 90 4.73 -12.43 18.29
N ASP B 91 5.59 -13.36 18.68
CA ASP B 91 6.00 -13.51 20.09
C ASP B 91 7.08 -12.53 20.52
N ASN B 92 7.61 -11.75 19.57
CA ASN B 92 8.58 -10.71 19.91
C ASN B 92 8.12 -9.34 19.43
N GLY B 93 8.25 -8.33 20.28
CA GLY B 93 7.89 -6.98 19.90
C GLY B 93 6.39 -6.77 19.78
N PRO B 94 5.99 -5.53 19.50
CA PRO B 94 4.58 -5.14 19.47
C PRO B 94 3.90 -5.61 18.20
N SER B 95 2.60 -5.81 18.27
CA SER B 95 1.82 -6.04 17.08
C SER B 95 0.53 -5.20 17.13
N THR B 96 0.55 -4.18 17.99
CA THR B 96 -0.49 -3.14 17.98
C THR B 96 0.21 -1.81 18.18
N TRP B 97 -0.22 -0.79 17.44
CA TRP B 97 0.38 0.53 17.50
C TRP B 97 -0.71 1.59 17.65
N GLN B 98 -0.38 2.66 18.36
CA GLN B 98 -1.26 3.80 18.37
C GLN B 98 -0.51 5.03 17.84
N PHE B 99 -0.80 5.42 16.61
CA PHE B 99 -0.10 6.55 16.02
C PHE B 99 -0.72 7.84 16.54
N ASN B 100 0.10 8.68 17.14
CA ASN B 100 -0.39 9.93 17.74
C ASN B 100 -0.04 11.12 16.87
N PHE B 101 -1.06 11.80 16.38
CA PHE B 101 -0.86 12.85 15.38
C PHE B 101 -0.66 14.26 15.94
N GLU B 102 0.08 15.05 15.19
CA GLU B 102 0.32 16.45 15.51
C GLU B 102 -0.99 17.13 15.86
N PHE B 103 -0.93 18.03 16.83
CA PHE B 103 -2.08 18.85 17.19
C PHE B 103 -1.62 20.30 17.25
N ASP B 104 -2.35 21.17 16.55
CA ASP B 104 -1.98 22.58 16.51
C ASP B 104 -3.14 23.43 17.01
N PRO B 105 -3.00 23.95 18.23
CA PRO B 105 -4.08 24.74 18.84
C PRO B 105 -4.29 26.05 18.08
N LYS B 106 -3.25 26.52 17.40
CA LYS B 106 -3.33 27.74 16.60
C LYS B 106 -4.39 27.63 15.51
N LYS B 107 -4.60 26.42 15.01
CA LYS B 107 -5.52 26.24 13.90
C LYS B 107 -6.80 25.52 14.31
N GLU B 108 -6.72 24.70 15.34
CA GLU B 108 -7.89 24.04 15.88
C GLU B 108 -8.90 25.10 16.31
N ILE B 109 -10.15 24.95 15.89
CA ILE B 109 -11.16 25.96 16.21
C ILE B 109 -11.47 26.03 17.70
N MET B 110 -12.01 24.93 18.24
CA MET B 110 -12.34 24.86 19.66
C MET B 110 -11.05 24.81 20.50
N SER B 111 -11.02 25.61 21.56
CA SER B 111 -9.88 25.62 22.49
C SER B 111 -9.77 24.28 23.19
N THR B 112 -8.55 23.92 23.58
CA THR B 112 -8.33 22.67 24.32
C THR B 112 -9.11 22.70 25.64
N GLU B 113 -9.12 23.85 26.30
CA GLU B 113 -9.87 24.04 27.54
C GLU B 113 -11.36 23.84 27.30
N SER B 114 -11.84 24.36 26.17
CA SER B 114 -13.22 24.10 25.77
C SER B 114 -13.40 22.61 25.44
N LEU B 115 -14.56 22.08 25.79
CA LEU B 115 -14.82 20.63 25.78
C LEU B 115 -13.74 19.76 25.12
N GLY B 122 -9.24 12.93 27.52
CA GLY B 122 -8.66 11.60 27.39
C GLY B 122 -7.24 11.68 26.82
N ILE B 123 -6.99 12.78 26.11
CA ILE B 123 -5.79 12.95 25.30
C ILE B 123 -4.81 13.97 25.87
N ASN B 124 -3.52 13.67 25.75
CA ASN B 124 -2.46 14.59 26.15
C ASN B 124 -2.16 15.60 25.03
N PHE B 125 -2.95 16.67 24.96
CA PHE B 125 -2.85 17.65 23.88
C PHE B 125 -1.47 18.30 23.76
N GLU B 126 -0.84 18.60 24.90
CA GLU B 126 0.51 19.15 24.87
C GLU B 126 1.48 18.23 24.12
N LYS B 127 1.47 16.95 24.48
CA LYS B 127 2.37 15.98 23.90
C LYS B 127 2.15 15.86 22.38
N HIS B 128 0.89 15.77 21.96
CA HIS B 128 0.58 15.69 20.54
C HIS B 128 1.15 16.91 19.84
N GLU B 129 1.08 18.06 20.50
CA GLU B 129 1.61 19.30 19.94
C GLU B 129 3.12 19.27 19.76
N ASN B 130 3.85 18.82 20.77
CA ASN B 130 5.30 18.83 20.67
C ASN B 130 5.88 17.63 19.95
N LEU B 131 5.18 16.50 20.01
CA LEU B 131 5.77 15.24 19.59
C LEU B 131 4.95 14.49 18.53
N GLY B 132 3.80 15.02 18.17
CA GLY B 132 2.91 14.33 17.25
C GLY B 132 3.44 14.07 15.87
N ILE B 133 2.89 13.03 15.25
CA ILE B 133 3.22 12.63 13.89
C ILE B 133 2.66 13.61 12.85
N ASP B 134 3.48 13.93 11.85
CA ASP B 134 3.03 14.69 10.69
C ASP B 134 2.22 13.73 9.82
N VAL B 135 0.95 14.02 9.62
CA VAL B 135 0.07 13.13 8.86
C VAL B 135 0.58 12.83 7.45
N PHE B 136 1.26 13.81 6.83
CA PHE B 136 1.88 13.62 5.51
C PHE B 136 3.04 12.62 5.54
N GLU B 137 3.85 12.63 6.60
CA GLU B 137 4.88 11.61 6.69
C GLU B 137 4.25 10.23 6.92
N PHE B 138 3.26 10.17 7.81
CA PHE B 138 2.56 8.92 8.05
C PHE B 138 2.06 8.28 6.73
N SER B 139 1.40 9.08 5.89
CA SER B 139 0.74 8.57 4.68
C SER B 139 1.71 8.03 3.64
N GLN B 140 2.92 8.59 3.61
CA GLN B 140 3.98 8.07 2.74
C GLN B 140 4.45 6.67 3.16
N LEU B 141 4.56 6.44 4.47
CA LEU B 141 5.04 5.17 4.99
C LEU B 141 3.98 4.10 4.88
N LEU B 142 2.72 4.48 5.03
CA LEU B 142 1.62 3.55 4.82
C LEU B 142 1.45 3.13 3.35
N MET B 143 1.54 4.08 2.43
CA MET B 143 1.34 3.84 0.99
C MET B 143 2.12 2.60 0.48
N ASP B 144 3.39 2.49 0.86
CA ASP B 144 4.23 1.42 0.33
C ASP B 144 4.67 0.42 1.41
N SER B 145 3.89 0.32 2.48
CA SER B 145 4.22 -0.52 3.61
C SER B 145 3.93 -1.99 3.34
N GLY B 146 3.14 -2.27 2.31
CA GLY B 146 2.61 -3.60 2.08
C GLY B 146 1.14 -3.76 2.48
N LEU B 147 0.56 -2.76 3.14
CA LEU B 147 -0.80 -2.89 3.66
C LEU B 147 -1.88 -2.50 2.64
N MET B 148 -1.52 -1.68 1.66
CA MET B 148 -2.53 -1.11 0.77
C MET B 148 -2.52 -1.73 -0.62
N MET B 149 -3.69 -1.78 -1.24
CA MET B 149 -3.83 -2.15 -2.65
C MET B 149 -3.34 -3.57 -2.92
N ASP B 150 -3.69 -4.49 -2.02
CA ASP B 150 -3.20 -5.86 -2.08
C ASP B 150 -4.20 -6.79 -1.43
N ASP B 151 -4.88 -7.62 -2.22
CA ASP B 151 -5.94 -8.45 -1.66
C ASP B 151 -5.47 -9.67 -0.84
N SER B 152 -4.15 -9.82 -0.69
CA SER B 152 -3.64 -10.84 0.20
C SER B 152 -3.65 -10.32 1.66
N VAL B 153 -3.82 -9.01 1.82
CA VAL B 153 -3.95 -8.43 3.13
C VAL B 153 -5.42 -8.27 3.42
N THR B 154 -5.86 -8.62 4.62
CA THR B 154 -7.28 -8.46 4.99
C THR B 154 -7.48 -7.34 6.03
N TRP B 155 -8.29 -6.34 5.67
CA TRP B 155 -8.60 -5.22 6.55
C TRP B 155 -9.83 -5.49 7.39
N ILE B 156 -9.71 -5.24 8.70
CA ILE B 156 -10.81 -5.42 9.62
C ILE B 156 -11.20 -4.08 10.20
N THR B 157 -12.47 -3.73 10.07
CA THR B 157 -12.94 -2.46 10.54
C THR B 157 -14.14 -2.70 11.43
N TYR B 158 -14.66 -1.65 12.05
CA TYR B 158 -15.88 -1.78 12.83
C TYR B 158 -16.73 -0.52 12.78
N HIS B 159 -17.92 -0.61 12.19
CA HIS B 159 -18.73 0.58 11.97
C HIS B 159 -17.82 1.59 11.26
N ALA B 160 -17.39 1.22 10.07
CA ALA B 160 -16.17 1.77 9.46
C ALA B 160 -16.26 3.10 8.69
N ALA B 161 -17.45 3.52 8.26
CA ALA B 161 -17.55 4.69 7.36
C ALA B 161 -16.57 5.82 7.70
N TYR B 162 -16.55 6.26 8.96
CA TYR B 162 -15.67 7.38 9.34
C TYR B 162 -14.19 7.03 9.42
N ASP B 163 -13.90 5.80 9.84
CA ASP B 163 -12.53 5.30 9.87
C ASP B 163 -11.94 5.22 8.45
N LEU B 164 -12.66 4.60 7.53
CA LEU B 164 -12.25 4.57 6.13
C LEU B 164 -12.23 5.97 5.55
N GLY B 165 -13.22 6.78 5.91
CA GLY B 165 -13.25 8.17 5.49
C GLY B 165 -11.94 8.84 5.81
N PHE B 166 -11.52 8.76 7.08
CA PHE B 166 -10.33 9.45 7.54
C PHE B 166 -9.06 8.83 6.95
N LEU B 167 -9.04 7.51 6.86
CA LEU B 167 -7.90 6.81 6.30
C LEU B 167 -7.70 7.12 4.81
N ILE B 168 -8.78 7.03 4.04
CA ILE B 168 -8.73 7.32 2.61
C ILE B 168 -8.37 8.80 2.33
N ASN B 169 -8.93 9.70 3.11
CA ASN B 169 -8.58 11.10 3.02
C ASN B 169 -7.08 11.36 3.27
N ILE B 170 -6.51 10.66 4.25
CA ILE B 170 -5.06 10.71 4.49
C ILE B 170 -4.22 10.18 3.32
N LEU B 171 -4.70 9.10 2.67
CA LEU B 171 -3.97 8.48 1.56
C LEU B 171 -4.11 9.28 0.26
N MET B 172 -5.30 9.80 0.01
CA MET B 172 -5.54 10.66 -1.15
C MET B 172 -4.83 12.00 -1.09
N ASN B 173 -4.71 12.59 0.10
CA ASN B 173 -4.08 13.91 0.23
C ASN B 173 -4.85 14.89 -0.64
N ASP B 174 -6.17 14.72 -0.67
CA ASP B 174 -7.04 15.53 -1.51
C ASP B 174 -8.44 15.58 -0.91
N SER B 175 -9.29 16.43 -1.47
CA SER B 175 -10.69 16.53 -1.07
C SER B 175 -11.40 15.19 -1.18
N MET B 176 -12.29 14.92 -0.23
CA MET B 176 -13.11 13.71 -0.27
C MET B 176 -13.93 13.72 -1.55
N PRO B 177 -14.26 12.52 -2.06
CA PRO B 177 -15.03 12.42 -3.31
C PRO B 177 -16.46 12.97 -3.18
N ASN B 178 -16.97 13.54 -4.28
CA ASN B 178 -18.28 14.21 -4.34
C ASN B 178 -19.45 13.38 -3.85
N ASN B 179 -19.35 12.08 -4.05
CA ASN B 179 -20.49 11.19 -3.84
C ASN B 179 -20.06 9.82 -3.31
N LYS B 180 -21.03 9.05 -2.84
CA LYS B 180 -20.79 7.76 -2.22
C LYS B 180 -20.13 6.76 -3.16
N GLU B 181 -20.56 6.75 -4.42
CA GLU B 181 -20.07 5.78 -5.40
C GLU B 181 -18.58 5.97 -5.66
N ASP B 182 -18.15 7.21 -5.82
CA ASP B 182 -16.74 7.54 -5.98
C ASP B 182 -15.95 7.15 -4.73
N PHE B 183 -16.52 7.43 -3.55
CA PHE B 183 -15.84 7.08 -2.30
C PHE B 183 -15.64 5.58 -2.20
N GLU B 184 -16.64 4.83 -2.65
CA GLU B 184 -16.56 3.38 -2.62
C GLU B 184 -15.50 2.88 -3.60
N TRP B 185 -15.38 3.54 -4.74
CA TRP B 185 -14.35 3.17 -5.71
C TRP B 185 -12.97 3.26 -5.09
N TRP B 186 -12.74 4.32 -4.31
CA TRP B 186 -11.44 4.57 -3.71
C TRP B 186 -11.10 3.54 -2.64
N VAL B 187 -12.05 3.28 -1.75
CA VAL B 187 -11.89 2.26 -0.71
C VAL B 187 -11.53 0.88 -1.29
N HIS B 188 -12.25 0.47 -2.33
CA HIS B 188 -12.00 -0.82 -2.95
C HIS B 188 -10.59 -0.92 -3.57
N GLN B 189 -10.09 0.17 -4.13
CA GLN B 189 -8.71 0.21 -4.64
C GLN B 189 -7.66 0.11 -3.54
N TYR B 190 -7.76 0.96 -2.53
CA TYR B 190 -6.77 0.94 -1.44
C TYR B 190 -6.92 -0.31 -0.58
N MET B 191 -8.16 -0.72 -0.35
CA MET B 191 -8.47 -1.86 0.49
C MET B 191 -9.36 -2.87 -0.23
N PRO B 192 -8.78 -3.62 -1.17
CA PRO B 192 -9.54 -4.56 -1.99
C PRO B 192 -10.08 -5.78 -1.23
N ASN B 193 -9.72 -5.93 0.05
CA ASN B 193 -10.18 -7.05 0.85
C ASN B 193 -10.43 -6.64 2.29
N PHE B 194 -11.66 -6.27 2.62
CA PHE B 194 -11.91 -5.81 3.97
C PHE B 194 -13.29 -6.20 4.47
N TYR B 195 -13.41 -6.34 5.78
CA TYR B 195 -14.69 -6.67 6.42
C TYR B 195 -15.07 -5.62 7.45
N ASP B 196 -16.36 -5.30 7.53
CA ASP B 196 -16.87 -4.53 8.66
C ASP B 196 -17.53 -5.48 9.67
N LEU B 197 -16.82 -5.72 10.76
CA LEU B 197 -17.24 -6.69 11.78
C LEU B 197 -18.59 -6.35 12.38
N ASN B 198 -18.93 -5.06 12.37
CA ASN B 198 -20.23 -4.62 12.83
C ASN B 198 -21.35 -5.26 12.02
N LEU B 199 -21.16 -5.25 10.70
CA LEU B 199 -22.13 -5.81 9.77
C LEU B 199 -22.19 -7.33 9.88
N VAL B 200 -21.02 -7.96 9.92
CA VAL B 200 -20.98 -9.42 10.02
C VAL B 200 -21.69 -9.89 11.29
N TYR B 201 -21.47 -9.20 12.41
CA TYR B 201 -22.08 -9.61 13.66
C TYR B 201 -23.59 -9.40 13.64
N LYS B 202 -24.02 -8.27 13.06
CA LYS B 202 -25.43 -7.97 12.93
C LYS B 202 -26.16 -9.00 12.06
N ILE B 203 -25.53 -9.42 10.96
CA ILE B 203 -26.10 -10.46 10.12
C ILE B 203 -26.18 -11.79 10.85
N ILE B 204 -25.22 -12.05 11.73
CA ILE B 204 -25.22 -13.29 12.52
C ILE B 204 -26.33 -13.28 13.57
N GLN B 205 -26.56 -12.12 14.19
CA GLN B 205 -27.63 -12.01 15.18
C GLN B 205 -29.02 -12.11 14.53
N GLU B 206 -29.09 -11.80 13.24
CA GLU B 206 -30.35 -11.86 12.50
C GLU B 206 -30.74 -13.26 12.07
N PHE B 207 -29.82 -14.21 12.21
CA PHE B 207 -30.18 -15.61 12.09
C PHE B 207 -30.63 -16.08 13.48
N LYS B 208 -31.18 -15.14 14.24
CA LYS B 208 -31.73 -15.39 15.57
C LYS B 208 -32.78 -14.31 15.84
N ASN B 209 -33.62 -14.08 14.84
CA ASN B 209 -34.70 -13.09 14.89
C ASN B 209 -35.62 -13.32 13.71
N GLN B 223 -27.40 -5.78 21.77
CA GLN B 223 -26.86 -4.74 20.90
C GLN B 223 -25.86 -5.32 19.91
N TYR B 224 -25.30 -4.45 19.07
CA TYR B 224 -24.28 -4.88 18.12
C TYR B 224 -22.92 -4.25 18.42
N SER B 225 -22.83 -3.46 19.49
CA SER B 225 -21.58 -2.81 19.83
C SER B 225 -20.44 -3.82 19.95
N LEU B 226 -19.21 -3.33 19.86
CA LEU B 226 -18.01 -4.17 19.90
C LEU B 226 -17.82 -4.84 21.25
N THR B 227 -17.98 -4.07 22.33
CA THR B 227 -17.88 -4.60 23.68
C THR B 227 -18.91 -5.70 23.91
N THR B 228 -20.15 -5.45 23.50
CA THR B 228 -21.18 -6.47 23.57
C THR B 228 -20.75 -7.67 22.75
N LEU B 229 -20.12 -7.42 21.62
CA LEU B 229 -19.58 -8.52 20.83
C LEU B 229 -18.51 -9.23 21.67
N ALA B 230 -17.59 -8.46 22.23
CA ALA B 230 -16.48 -9.06 22.95
C ALA B 230 -16.96 -9.90 24.14
N ASP B 231 -17.90 -9.35 24.93
CA ASP B 231 -18.51 -10.10 26.04
C ASP B 231 -19.17 -11.38 25.57
N GLU B 232 -19.93 -11.29 24.48
CA GLU B 232 -20.62 -12.46 23.97
C GLU B 232 -19.64 -13.56 23.61
N LEU B 233 -18.40 -13.20 23.31
CA LEU B 233 -17.35 -14.19 23.05
C LEU B 233 -16.60 -14.61 24.32
N GLY B 234 -17.00 -14.07 25.47
CA GLY B 234 -16.34 -14.41 26.73
C GLY B 234 -14.92 -13.86 26.78
N LEU B 235 -14.80 -12.58 26.45
CA LEU B 235 -13.51 -11.90 26.50
C LEU B 235 -13.53 -10.89 27.64
N PRO B 236 -12.56 -11.01 28.56
CA PRO B 236 -12.52 -10.14 29.73
C PRO B 236 -12.38 -8.68 29.31
N ARG B 237 -12.96 -7.77 30.09
CA ARG B 237 -12.85 -6.36 29.78
C ARG B 237 -11.52 -5.83 30.22
N PHE B 238 -10.47 -6.23 29.50
CA PHE B 238 -9.14 -5.75 29.81
C PHE B 238 -9.09 -4.24 29.65
N SER B 239 -8.27 -3.60 30.48
CA SER B 239 -8.13 -2.16 30.48
C SER B 239 -7.42 -1.68 29.21
N ILE B 240 -6.60 -2.58 28.65
CA ILE B 240 -5.81 -2.26 27.46
C ILE B 240 -6.65 -1.77 26.28
N PHE B 241 -7.93 -2.17 26.25
CA PHE B 241 -8.82 -1.98 25.12
C PHE B 241 -9.44 -0.57 25.08
N THR B 242 -9.36 0.19 26.18
CA THR B 242 -10.07 1.46 26.23
C THR B 242 -9.53 2.50 25.23
N THR B 243 -8.22 2.49 24.96
CA THR B 243 -7.60 3.45 24.04
C THR B 243 -7.91 3.15 22.57
N THR B 244 -7.54 4.09 21.72
CA THR B 244 -7.66 3.94 20.28
C THR B 244 -6.84 2.73 19.79
N GLY B 245 -5.56 2.67 20.12
CA GLY B 245 -4.78 1.46 19.87
C GLY B 245 -5.50 0.23 20.38
N GLY B 246 -5.98 0.28 21.63
CA GLY B 246 -6.69 -0.81 22.26
C GLY B 246 -7.97 -1.24 21.56
N GLN B 247 -8.63 -0.32 20.88
CA GLN B 247 -9.86 -0.65 20.18
C GLN B 247 -9.59 -1.39 18.87
N SER B 248 -8.47 -1.11 18.21
CA SER B 248 -8.15 -1.89 17.01
C SER B 248 -7.68 -3.29 17.41
N LEU B 249 -7.00 -3.39 18.55
CA LEU B 249 -6.65 -4.70 19.10
C LEU B 249 -7.92 -5.52 19.35
N LEU B 250 -8.85 -4.94 20.09
CA LEU B 250 -10.10 -5.61 20.43
C LEU B 250 -10.93 -6.08 19.23
N MET B 251 -10.99 -5.30 18.16
CA MET B 251 -11.79 -5.71 17.04
C MET B 251 -11.09 -6.83 16.26
N LEU B 252 -9.77 -6.82 16.27
CA LEU B 252 -8.99 -7.87 15.61
C LEU B 252 -9.05 -9.21 16.36
N LEU B 253 -8.99 -9.15 17.67
CA LEU B 253 -9.12 -10.37 18.47
C LEU B 253 -10.50 -10.96 18.24
N SER B 254 -11.50 -10.09 18.23
CA SER B 254 -12.89 -10.49 18.08
C SER B 254 -13.21 -11.03 16.69
N PHE B 255 -12.80 -10.32 15.65
CA PHE B 255 -13.04 -10.80 14.30
C PHE B 255 -12.48 -12.20 14.13
N CYS B 256 -11.25 -12.39 14.59
CA CYS B 256 -10.55 -13.67 14.40
C CYS B 256 -11.17 -14.80 15.22
N GLN B 257 -11.45 -14.53 16.50
CA GLN B 257 -12.12 -15.53 17.32
C GLN B 257 -13.45 -15.89 16.67
N LEU B 258 -14.26 -14.87 16.37
CA LEU B 258 -15.58 -15.10 15.77
C LEU B 258 -15.50 -15.91 14.48
N SER B 259 -14.53 -15.58 13.65
CA SER B 259 -14.33 -16.29 12.40
C SER B 259 -13.87 -17.75 12.59
N LYS B 260 -13.12 -18.03 13.65
CA LYS B 260 -12.66 -19.39 13.90
C LYS B 260 -13.81 -20.28 14.36
N LEU B 261 -14.71 -19.72 15.15
CA LEU B 261 -15.83 -20.47 15.69
C LEU B 261 -16.70 -21.04 14.57
N SER B 262 -17.00 -20.20 13.58
CA SER B 262 -17.93 -20.58 12.52
C SER B 262 -17.26 -20.98 11.23
N MET B 263 -15.94 -21.03 11.22
CA MET B 263 -15.19 -21.27 9.98
C MET B 263 -15.54 -20.27 8.86
N HIS B 264 -15.64 -19.00 9.22
CA HIS B 264 -15.90 -17.94 8.24
C HIS B 264 -17.26 -18.14 7.57
N LYS B 265 -18.17 -18.85 8.23
CA LYS B 265 -19.49 -19.11 7.67
C LYS B 265 -20.60 -18.52 8.53
N PHE B 266 -21.65 -18.02 7.88
CA PHE B 266 -22.86 -17.60 8.58
C PHE B 266 -23.65 -18.86 9.01
N PRO B 267 -24.69 -18.66 9.85
CA PRO B 267 -25.45 -19.81 10.35
C PRO B 267 -26.12 -20.61 9.23
N ASN B 268 -26.22 -20.04 8.03
CA ASN B 268 -26.87 -20.76 6.94
C ASN B 268 -25.91 -21.33 5.90
N GLY B 269 -24.62 -21.42 6.24
CA GLY B 269 -23.62 -21.99 5.36
C GLY B 269 -22.99 -20.99 4.40
N THR B 270 -23.61 -19.82 4.27
CA THR B 270 -23.08 -18.74 3.44
C THR B 270 -21.76 -18.23 4.02
N ASP B 271 -20.82 -17.87 3.14
CA ASP B 271 -19.51 -17.37 3.58
C ASP B 271 -19.55 -15.89 3.98
N PHE B 272 -18.67 -15.50 4.92
CA PHE B 272 -18.59 -14.10 5.31
C PHE B 272 -18.24 -13.23 4.11
N ALA B 273 -17.47 -13.82 3.19
CA ALA B 273 -16.99 -13.12 2.00
C ALA B 273 -18.14 -12.51 1.23
N LYS B 274 -19.35 -12.99 1.50
CA LYS B 274 -20.51 -12.41 0.87
C LYS B 274 -20.57 -10.91 1.15
N TYR B 275 -20.00 -10.51 2.28
CA TYR B 275 -20.07 -9.11 2.70
C TYR B 275 -18.71 -8.42 2.71
N GLN B 276 -17.74 -9.02 2.05
CA GLN B 276 -16.46 -8.36 1.83
C GLN B 276 -16.73 -7.02 1.12
N GLY B 277 -16.10 -5.95 1.60
CA GLY B 277 -16.14 -4.67 0.92
C GLY B 277 -17.36 -3.80 1.18
N VAL B 278 -18.26 -4.26 2.04
CA VAL B 278 -19.48 -3.51 2.36
C VAL B 278 -19.33 -2.78 3.69
N ILE B 279 -19.79 -1.53 3.74
CA ILE B 279 -19.65 -0.69 4.93
C ILE B 279 -20.94 -0.50 5.73
N TYR B 280 -20.77 -0.49 7.06
CA TYR B 280 -21.82 -0.14 8.03
C TYR B 280 -22.50 -1.34 8.69
#